data_8RM6
#
_entry.id   8RM6
#
_cell.length_a   37.029
_cell.length_b   95.359
_cell.length_c   115.353
_cell.angle_alpha   90.00
_cell.angle_beta   90.00
_cell.angle_gamma   90.00
#
_symmetry.space_group_name_H-M   'P 2 21 2'
#
loop_
_entity.id
_entity.type
_entity.pdbx_description
1 polymer 'Isoform 2 of Androgen receptor'
2 polymer 'C3(1)ARE_Chain D'
3 polymer 'C3(1)ARE_Chain C'
4 non-polymer 'ZINC ION'
5 water water
#
loop_
_entity_poly.entity_id
_entity_poly.type
_entity_poly.pdbx_seq_one_letter_code
_entity_poly.pdbx_strand_id
1 'polypeptide(L)' QKTCLICGDEASGAHYGALTCGSCKVFFKRAAEGKQKYLCASRNDCTIDKFRRKNCPSCRLRKCYEAGMTLGA B,A
2 'polydeoxyribonucleotide' (DT)(DT)(DA)(DG)(DT)(DA)(DC)(DG)(DT)(DG)(DA)(DT)(DG)(DT)(DT)(DC)(DT)(DA) D
3 'polydeoxyribonucleotide' (DT)(DT)(DA)(DG)(DA)(DA)(DC)(DA)(DT)(DC)(DA)(DC)(DG)(DT)(DA)(DC)(DT)(DA) C
#
# COMPACT_ATOMS: atom_id res chain seq x y z
N GLN A 1 9.09 12.86 20.15
CA GLN A 1 9.85 14.08 20.38
C GLN A 1 11.14 13.97 19.55
N LYS A 2 11.21 14.77 18.49
CA LYS A 2 12.08 14.64 17.32
C LYS A 2 11.69 13.43 16.45
N THR A 3 10.65 12.67 16.83
CA THR A 3 10.15 11.59 15.98
C THR A 3 8.68 11.83 15.62
N CYS A 4 8.35 11.63 14.33
CA CYS A 4 6.98 11.79 13.84
C CYS A 4 6.01 10.87 14.57
N LEU A 5 4.89 11.45 15.03
CA LEU A 5 3.87 10.66 15.71
C LEU A 5 3.11 9.71 14.79
N ILE A 6 3.13 9.94 13.48
CA ILE A 6 2.38 9.05 12.58
C ILE A 6 3.21 7.85 12.21
N CYS A 7 4.46 8.10 11.79
CA CYS A 7 5.27 7.06 11.14
C CYS A 7 6.63 6.85 11.77
N GLY A 8 6.97 7.56 12.84
CA GLY A 8 8.25 7.36 13.48
C GLY A 8 9.45 7.98 12.79
N ASP A 9 9.30 8.50 11.57
CA ASP A 9 10.39 9.20 10.90
C ASP A 9 10.84 10.39 11.75
N GLU A 10 11.95 11.01 11.34
CA GLU A 10 12.42 12.19 12.07
C GLU A 10 11.47 13.36 11.84
N ALA A 11 11.00 13.96 12.94
CA ALA A 11 9.99 15.01 12.85
C ALA A 11 10.63 16.37 12.66
N SER A 12 9.91 17.26 11.96
CA SER A 12 10.39 18.58 11.60
C SER A 12 9.60 19.70 12.27
N GLY A 13 9.03 19.44 13.43
CA GLY A 13 8.15 20.37 14.11
C GLY A 13 6.70 19.94 14.02
N ALA A 14 5.85 20.72 14.70
CA ALA A 14 4.42 20.45 14.66
C ALA A 14 3.87 20.86 13.29
N HIS A 15 2.86 20.11 12.84
CA HIS A 15 2.21 20.39 11.56
C HIS A 15 0.74 20.06 11.70
N TYR A 16 -0.12 21.03 11.39
CA TYR A 16 -1.56 20.89 11.53
C TYR A 16 -1.94 20.34 12.90
N GLY A 17 -1.15 20.64 13.92
CA GLY A 17 -1.52 20.32 15.28
C GLY A 17 -0.84 19.12 15.90
N ALA A 18 0.10 18.48 15.21
CA ALA A 18 0.80 17.35 15.81
C ALA A 18 2.24 17.34 15.33
N LEU A 19 3.10 16.70 16.13
CA LEU A 19 4.50 16.53 15.77
C LEU A 19 4.61 15.50 14.64
N THR A 20 4.99 15.93 13.43
CA THR A 20 5.09 15.00 12.30
C THR A 20 6.30 15.33 11.44
N CYS A 21 6.66 14.37 10.59
CA CYS A 21 7.66 14.59 9.56
C CYS A 21 7.05 15.38 8.40
N GLY A 22 7.91 15.75 7.44
CA GLY A 22 7.42 16.53 6.31
C GLY A 22 6.52 15.73 5.38
N SER A 23 6.84 14.45 5.17
CA SER A 23 6.00 13.64 4.28
C SER A 23 4.62 13.43 4.88
N CYS A 24 4.52 13.23 6.20
CA CYS A 24 3.19 13.08 6.80
C CYS A 24 2.43 14.42 6.82
N LYS A 25 3.17 15.52 6.88
CA LYS A 25 2.51 16.86 6.84
C LYS A 25 1.83 17.04 5.48
N VAL A 26 2.51 16.72 4.38
CA VAL A 26 1.92 16.96 3.08
C VAL A 26 0.90 15.88 2.74
N PHE A 27 1.11 14.65 3.21
CA PHE A 27 0.12 13.61 3.03
C PHE A 27 -1.21 13.99 3.68
N PHE A 28 -1.15 14.47 4.93
CA PHE A 28 -2.39 14.79 5.62
C PHE A 28 -3.17 15.87 4.88
N LYS A 29 -2.47 16.89 4.41
CA LYS A 29 -3.16 17.96 3.68
C LYS A 29 -3.80 17.41 2.41
N ARG A 30 -3.09 16.57 1.66
CA ARG A 30 -3.67 16.01 0.46
C ARG A 30 -4.85 15.10 0.78
N ALA A 31 -4.71 14.25 1.80
CA ALA A 31 -5.72 13.24 2.07
C ALA A 31 -6.88 13.76 2.89
N ALA A 32 -6.65 14.73 3.78
CA ALA A 32 -7.78 15.31 4.50
C ALA A 32 -8.65 16.15 3.56
N GLU A 33 -8.03 16.90 2.63
CA GLU A 33 -8.81 17.74 1.73
C GLU A 33 -9.69 16.90 0.82
N GLY A 34 -9.11 15.89 0.18
CA GLY A 34 -9.85 15.15 -0.83
C GLY A 34 -11.07 14.44 -0.26
N LYS A 35 -12.07 14.27 -1.12
CA LYS A 35 -13.25 13.48 -0.79
C LYS A 35 -13.06 12.02 -1.19
N GLN A 36 -11.91 11.48 -0.83
CA GLN A 36 -11.53 10.12 -1.21
C GLN A 36 -11.86 9.15 -0.08
N LYS A 37 -12.47 8.04 -0.44
CA LYS A 37 -12.50 6.90 0.46
C LYS A 37 -11.21 6.12 0.23
N TYR A 38 -10.49 5.84 1.29
CA TYR A 38 -9.33 4.96 1.23
C TYR A 38 -9.72 3.61 1.79
N LEU A 39 -9.21 2.53 1.20
CA LEU A 39 -9.50 1.20 1.67
C LEU A 39 -8.24 0.56 2.20
N CYS A 40 -8.33 -0.03 3.38
CA CYS A 40 -7.22 -0.83 3.89
C CYS A 40 -7.29 -2.22 3.25
N ALA A 41 -6.13 -2.77 2.92
CA ALA A 41 -6.09 -4.13 2.38
C ALA A 41 -6.01 -5.22 3.46
N SER A 42 -5.98 -4.84 4.74
CA SER A 42 -5.83 -5.85 5.78
C SER A 42 -6.93 -5.68 6.82
N ARG A 43 -6.59 -5.18 8.03
CA ARG A 43 -7.53 -5.15 9.14
C ARG A 43 -7.69 -3.77 9.76
N ASN A 44 -7.36 -2.70 9.05
CA ASN A 44 -7.37 -1.33 9.62
C ASN A 44 -6.42 -1.19 10.81
N ASP A 45 -5.32 -1.94 10.83
CA ASP A 45 -4.33 -1.77 11.89
C ASP A 45 -2.91 -1.92 11.35
N CYS A 46 -2.66 -1.48 10.12
CA CYS A 46 -1.35 -1.62 9.49
C CYS A 46 -0.28 -0.89 10.32
N THR A 47 0.95 -1.37 10.21
CA THR A 47 2.08 -0.68 10.84
C THR A 47 2.56 0.42 9.89
N ILE A 48 2.51 1.65 10.35
CA ILE A 48 2.88 2.82 9.57
C ILE A 48 4.29 3.25 10.02
N ASP A 49 5.30 3.05 9.17
CA ASP A 49 6.64 3.52 9.46
C ASP A 49 7.22 4.14 8.20
N LYS A 50 8.49 4.57 8.29
CA LYS A 50 9.13 5.27 7.18
C LYS A 50 9.02 4.49 5.88
N PHE A 51 9.09 3.17 5.95
CA PHE A 51 9.15 2.36 4.73
C PHE A 51 7.82 1.76 4.32
N ARG A 52 6.85 1.73 5.23
CA ARG A 52 5.55 1.12 4.99
C ARG A 52 4.43 2.15 4.84
N ARG A 53 4.67 3.40 5.25
CA ARG A 53 3.58 4.38 5.31
C ARG A 53 2.93 4.61 3.95
N LYS A 54 3.67 4.37 2.86
CA LYS A 54 3.09 4.50 1.53
C LYS A 54 1.97 3.49 1.28
N ASN A 55 2.03 2.33 1.96
CA ASN A 55 1.16 1.22 1.55
C ASN A 55 -0.29 1.53 1.83
N CYS A 56 -0.59 2.18 2.94
CA CYS A 56 -1.97 2.27 3.40
C CYS A 56 -2.34 3.68 3.80
N PRO A 57 -2.77 4.50 2.84
CA PRO A 57 -3.27 5.85 3.19
C PRO A 57 -4.41 5.80 4.18
N SER A 58 -5.24 4.75 4.14
CA SER A 58 -6.34 4.66 5.09
C SER A 58 -5.83 4.63 6.53
N CYS A 59 -4.92 3.69 6.84
CA CYS A 59 -4.42 3.64 8.22
C CYS A 59 -3.56 4.86 8.54
N ARG A 60 -2.78 5.33 7.58
CA ARG A 60 -1.97 6.52 7.82
C ARG A 60 -2.84 7.73 8.14
N LEU A 61 -3.92 7.91 7.37
CA LEU A 61 -4.86 9.02 7.64
C LEU A 61 -5.51 8.86 9.00
N ARG A 62 -5.97 7.65 9.31
CA ARG A 62 -6.54 7.39 10.63
C ARG A 62 -5.56 7.81 11.72
N LYS A 63 -4.28 7.46 11.57
CA LYS A 63 -3.30 7.81 12.59
C LYS A 63 -3.09 9.31 12.68
N CYS A 64 -3.19 10.03 11.54
CA CYS A 64 -3.07 11.48 11.58
C CYS A 64 -4.16 12.08 12.46
N TYR A 65 -5.41 11.65 12.28
CA TYR A 65 -6.48 12.16 13.10
C TYR A 65 -6.28 11.78 14.56
N GLU A 66 -5.92 10.51 14.81
CA GLU A 66 -5.69 10.06 16.18
C GLU A 66 -4.60 10.85 16.88
N ALA A 67 -3.61 11.37 16.13
CA ALA A 67 -2.60 12.21 16.74
C ALA A 67 -3.05 13.67 16.85
N GLY A 68 -4.28 13.97 16.43
CA GLY A 68 -4.83 15.29 16.59
C GLY A 68 -4.70 16.22 15.40
N MET A 69 -4.24 15.75 14.24
CA MET A 69 -4.08 16.69 13.14
C MET A 69 -5.45 17.14 12.64
N THR A 70 -5.50 18.37 12.12
CA THR A 70 -6.74 18.99 11.71
C THR A 70 -6.42 20.06 10.69
N LEU A 71 -7.32 20.23 9.72
CA LEU A 71 -7.18 21.32 8.76
C LEU A 71 -7.87 22.59 9.22
N GLY A 72 -8.91 22.47 10.05
CA GLY A 72 -9.72 23.59 10.45
C GLY A 72 -9.27 24.35 11.67
N ALA A 73 -7.95 24.55 11.81
CA ALA A 73 -7.35 25.45 12.82
C ALA A 73 -7.71 25.14 14.28
N GLN B 1 -10.94 -20.42 -17.15
CA GLN B 1 -11.66 -19.45 -16.34
C GLN B 1 -11.37 -18.03 -16.86
N LYS B 2 -12.18 -17.07 -16.41
CA LYS B 2 -12.10 -15.67 -16.79
C LYS B 2 -11.56 -14.79 -15.66
N THR B 3 -11.05 -15.38 -14.57
CA THR B 3 -10.77 -14.65 -13.34
C THR B 3 -9.27 -14.63 -13.05
N CYS B 4 -8.71 -13.42 -12.93
CA CYS B 4 -7.31 -13.28 -12.52
C CYS B 4 -7.06 -14.02 -11.23
N LEU B 5 -6.09 -14.94 -11.24
CA LEU B 5 -5.74 -15.70 -10.05
C LEU B 5 -5.10 -14.83 -8.96
N ILE B 6 -4.61 -13.65 -9.31
CA ILE B 6 -3.91 -12.81 -8.35
C ILE B 6 -4.86 -11.84 -7.66
N CYS B 7 -5.67 -11.10 -8.43
CA CYS B 7 -6.49 -10.04 -7.87
C CYS B 7 -7.99 -10.19 -8.13
N GLY B 8 -8.41 -11.24 -8.83
CA GLY B 8 -9.82 -11.41 -9.11
C GLY B 8 -10.39 -10.53 -10.19
N ASP B 9 -9.63 -9.57 -10.74
CA ASP B 9 -10.14 -8.83 -11.89
C ASP B 9 -10.40 -9.78 -13.05
N GLU B 10 -11.05 -9.26 -14.10
CA GLU B 10 -11.23 -10.08 -15.29
C GLU B 10 -9.88 -10.47 -15.89
N ALA B 11 -9.68 -11.76 -16.11
CA ALA B 11 -8.41 -12.19 -16.66
C ALA B 11 -8.36 -11.92 -18.16
N SER B 12 -7.13 -11.87 -18.69
CA SER B 12 -6.92 -11.63 -20.11
C SER B 12 -6.26 -12.80 -20.83
N GLY B 13 -5.82 -13.81 -20.10
CA GLY B 13 -5.09 -14.90 -20.71
C GLY B 13 -4.10 -15.50 -19.71
N ALA B 14 -3.29 -16.43 -20.21
CA ALA B 14 -2.22 -17.02 -19.43
C ALA B 14 -0.99 -16.15 -19.57
N HIS B 15 -0.50 -15.62 -18.45
CA HIS B 15 0.64 -14.72 -18.45
C HIS B 15 1.69 -15.24 -17.49
N TYR B 16 2.91 -15.41 -18.00
CA TYR B 16 4.07 -15.88 -17.24
C TYR B 16 3.80 -17.15 -16.47
N GLY B 17 2.82 -17.94 -16.91
CA GLY B 17 2.53 -19.21 -16.30
C GLY B 17 1.23 -19.30 -15.52
N ALA B 18 0.45 -18.22 -15.45
CA ALA B 18 -0.80 -18.29 -14.70
C ALA B 18 -1.84 -17.39 -15.35
N LEU B 19 -3.10 -17.72 -15.08
CA LEU B 19 -4.23 -16.93 -15.58
C LEU B 19 -4.33 -15.64 -14.77
N THR B 20 -4.09 -14.49 -15.41
CA THR B 20 -4.08 -13.20 -14.72
C THR B 20 -4.71 -12.13 -15.59
N CYS B 21 -5.05 -10.99 -14.97
CA CYS B 21 -5.44 -9.81 -15.72
C CYS B 21 -4.22 -9.15 -16.34
N GLY B 22 -4.46 -8.04 -17.05
CA GLY B 22 -3.35 -7.33 -17.68
C GLY B 22 -2.49 -6.57 -16.67
N SER B 23 -3.12 -5.98 -15.65
CA SER B 23 -2.34 -5.24 -14.66
C SER B 23 -1.40 -6.16 -13.89
N CYS B 24 -1.84 -7.39 -13.59
CA CYS B 24 -0.99 -8.33 -12.87
C CYS B 24 0.10 -8.92 -13.75
N LYS B 25 -0.15 -8.99 -15.06
CA LYS B 25 0.90 -9.47 -15.98
C LYS B 25 2.07 -8.46 -15.95
N VAL B 26 1.80 -7.17 -16.11
CA VAL B 26 2.88 -6.17 -16.15
C VAL B 26 3.48 -6.00 -14.75
N PHE B 27 2.63 -6.04 -13.72
CA PHE B 27 3.19 -5.97 -12.37
C PHE B 27 4.22 -7.07 -12.13
N PHE B 28 3.86 -8.32 -12.44
CA PHE B 28 4.78 -9.42 -12.18
C PHE B 28 6.08 -9.24 -12.93
N LYS B 29 5.99 -8.89 -14.22
CA LYS B 29 7.20 -8.66 -15.00
C LYS B 29 8.06 -7.57 -14.35
N ARG B 30 7.46 -6.46 -13.93
CA ARG B 30 8.25 -5.44 -13.27
C ARG B 30 8.76 -5.91 -11.91
N ALA B 31 7.93 -6.64 -11.16
CA ALA B 31 8.26 -6.95 -9.77
C ALA B 31 9.34 -8.02 -9.69
N ALA B 32 9.22 -9.06 -10.50
CA ALA B 32 10.22 -10.12 -10.49
C ALA B 32 11.57 -9.63 -11.03
N GLU B 33 11.55 -8.70 -12.00
CA GLU B 33 12.79 -8.26 -12.67
C GLU B 33 13.61 -7.27 -11.85
N GLY B 34 13.03 -6.64 -10.82
CA GLY B 34 13.67 -5.47 -10.24
C GLY B 34 14.19 -5.56 -8.81
N LYS B 35 13.78 -6.60 -8.06
CA LYS B 35 14.10 -6.72 -6.65
C LYS B 35 13.93 -5.40 -5.90
N GLN B 36 12.68 -4.97 -5.73
CA GLN B 36 12.35 -3.77 -4.98
C GLN B 36 12.22 -4.04 -3.49
N LYS B 37 12.53 -5.28 -3.07
CA LYS B 37 12.29 -5.81 -1.72
C LYS B 37 11.08 -5.14 -1.09
N TYR B 38 9.92 -5.32 -1.72
CA TYR B 38 8.66 -4.77 -1.26
C TYR B 38 8.33 -5.25 0.15
N LEU B 39 7.77 -4.36 0.97
CA LEU B 39 7.46 -4.62 2.36
C LEU B 39 5.95 -4.54 2.59
N CYS B 40 5.43 -5.52 3.30
CA CYS B 40 4.02 -5.51 3.71
C CYS B 40 3.90 -4.72 5.01
N ALA B 41 2.86 -3.88 5.10
CA ALA B 41 2.61 -3.11 6.32
C ALA B 41 1.79 -3.87 7.36
N SER B 42 1.32 -5.07 7.02
CA SER B 42 0.45 -5.84 7.91
C SER B 42 1.13 -7.17 8.19
N ARG B 43 0.53 -8.29 7.81
CA ARG B 43 0.97 -9.62 8.25
C ARG B 43 1.21 -10.55 7.07
N ASN B 44 1.64 -10.01 5.94
CA ASN B 44 1.90 -10.82 4.75
C ASN B 44 0.67 -11.59 4.31
N ASP B 45 -0.52 -11.02 4.55
CA ASP B 45 -1.77 -11.68 4.19
C ASP B 45 -2.82 -10.67 3.70
N CYS B 46 -2.39 -9.59 3.04
CA CYS B 46 -3.31 -8.56 2.59
C CYS B 46 -4.31 -9.12 1.59
N THR B 47 -5.50 -8.50 1.55
CA THR B 47 -6.47 -8.79 0.51
C THR B 47 -6.02 -8.14 -0.78
N ILE B 48 -5.90 -8.93 -1.85
CA ILE B 48 -5.47 -8.40 -3.12
C ILE B 48 -6.67 -8.47 -4.08
N ASP B 49 -7.22 -7.31 -4.42
CA ASP B 49 -8.32 -7.24 -5.36
C ASP B 49 -8.15 -5.98 -6.19
N LYS B 50 -9.11 -5.78 -7.10
CA LYS B 50 -9.05 -4.63 -8.01
C LYS B 50 -8.84 -3.31 -7.28
N PHE B 51 -9.45 -3.13 -6.11
CA PHE B 51 -9.37 -1.85 -5.41
C PHE B 51 -8.22 -1.78 -4.40
N ARG B 52 -7.62 -2.91 -4.03
CA ARG B 52 -6.60 -2.95 -2.99
C ARG B 52 -5.23 -3.41 -3.50
N ARG B 53 -5.15 -3.93 -4.71
CA ARG B 53 -3.90 -4.53 -5.18
C ARG B 53 -2.76 -3.51 -5.19
N LYS B 54 -3.06 -2.21 -5.35
CA LYS B 54 -2.00 -1.21 -5.31
C LYS B 54 -1.40 -1.05 -3.91
N ASN B 55 -2.15 -1.41 -2.85
CA ASN B 55 -1.71 -1.11 -1.50
C ASN B 55 -0.46 -1.90 -1.14
N CYS B 56 -0.41 -3.18 -1.49
CA CYS B 56 0.63 -4.08 -1.01
C CYS B 56 1.25 -4.86 -2.15
N PRO B 57 2.17 -4.24 -2.90
CA PRO B 57 2.97 -4.99 -3.87
C PRO B 57 3.60 -6.24 -3.29
N SER B 58 4.04 -6.21 -2.03
CA SER B 58 4.70 -7.39 -1.47
C SER B 58 3.74 -8.58 -1.48
N CYS B 59 2.52 -8.39 -0.99
CA CYS B 59 1.57 -9.49 -0.99
C CYS B 59 1.11 -9.84 -2.41
N ARG B 60 0.93 -8.83 -3.27
CA ARG B 60 0.56 -9.13 -4.66
C ARG B 60 1.61 -10.03 -5.33
N LEU B 61 2.89 -9.73 -5.11
CA LEU B 61 3.96 -10.55 -5.70
C LEU B 61 3.99 -11.94 -5.09
N ARG B 62 3.82 -12.02 -3.77
CA ARG B 62 3.68 -13.29 -3.09
C ARG B 62 2.63 -14.16 -3.78
N LYS B 63 1.46 -13.58 -4.05
CA LYS B 63 0.40 -14.29 -4.74
C LYS B 63 0.82 -14.73 -6.14
N CYS B 64 1.58 -13.89 -6.85
CA CYS B 64 2.04 -14.26 -8.18
C CYS B 64 2.88 -15.52 -8.14
N TYR B 65 3.85 -15.60 -7.21
CA TYR B 65 4.67 -16.81 -7.13
C TYR B 65 3.86 -18.01 -6.65
N GLU B 66 2.93 -17.80 -5.70
CA GLU B 66 2.09 -18.89 -5.25
C GLU B 66 1.23 -19.43 -6.38
N ALA B 67 0.82 -18.57 -7.32
CA ALA B 67 0.00 -18.96 -8.45
C ALA B 67 0.82 -19.66 -9.54
N GLY B 68 2.13 -19.76 -9.38
CA GLY B 68 2.98 -20.41 -10.34
C GLY B 68 3.69 -19.51 -11.32
N MET B 69 3.60 -18.18 -11.19
CA MET B 69 4.20 -17.36 -12.22
C MET B 69 5.71 -17.37 -12.10
N THR B 70 6.36 -17.14 -13.25
CA THR B 70 7.80 -17.31 -13.39
C THR B 70 8.23 -16.56 -14.64
N LEU B 71 9.43 -16.09 -14.57
CA LEU B 71 10.00 -15.39 -15.70
C LEU B 71 10.79 -16.34 -16.61
N GLY B 72 10.70 -17.61 -16.42
CA GLY B 72 11.41 -18.57 -17.24
C GLY B 72 12.92 -18.46 -17.05
N ALA B 73 13.24 -18.03 -15.84
CA ALA B 73 14.62 -17.71 -15.48
C ALA B 73 14.91 -16.22 -15.68
#